data_4ETO
#
_entry.id   4ETO
#
_cell.length_a   30.279
_cell.length_b   91.989
_cell.length_c   32.864
_cell.angle_alpha   90.000
_cell.angle_beta   112.600
_cell.angle_gamma   90.000
#
_symmetry.space_group_name_H-M   'P 1 21 1'
#
loop_
_entity.id
_entity.type
_entity.pdbx_description
1 polymer 'Protein S100-A4'
2 polymer Myosin-9
3 non-polymer 'CALCIUM ION'
4 water water
#
loop_
_entity_poly.entity_id
_entity_poly.type
_entity_poly.pdbx_seq_one_letter_code
_entity_poly.pdbx_strand_id
1 'polypeptide(L)'
;MACPLEKALDVMVSTFHKYSGKEGDKFKLNKSELKELLTRELPSFLGKRTDEAAFQKLMSNLDSNRDNEVDFQEYCVFLS
CIAMMCNEFFEGF
;
A,B
2 'polypeptide(L)' DAMNREVSSLKNKLRR P
#
# COMPACT_ATOMS: atom_id res chain seq x y z
N ALA A 2 -18.26 -4.56 9.82
CA ALA A 2 -17.18 -3.58 9.43
C ALA A 2 -16.10 -4.30 8.63
N CYS A 3 -15.54 -3.58 7.69
CA CYS A 3 -14.44 -4.07 6.89
C CYS A 3 -13.26 -3.12 7.15
N PRO A 4 -12.50 -3.39 8.23
CA PRO A 4 -11.35 -2.53 8.53
C PRO A 4 -10.38 -2.30 7.34
N LEU A 5 -10.17 -3.31 6.52
CA LEU A 5 -9.27 -3.11 5.34
C LEU A 5 -9.84 -2.16 4.33
N GLU A 6 -11.17 -2.14 4.18
CA GLU A 6 -11.75 -1.14 3.24
C GLU A 6 -11.64 0.27 3.87
N LYS A 7 -11.81 0.37 5.17
CA LYS A 7 -11.61 1.65 5.86
C LYS A 7 -10.15 2.12 5.69
N ALA A 8 -9.20 1.19 5.77
CA ALA A 8 -7.80 1.48 5.62
C ALA A 8 -7.53 2.07 4.24
N LEU A 9 -8.07 1.38 3.24
CA LEU A 9 -7.93 1.85 1.89
C LEU A 9 -8.47 3.27 1.71
N ASP A 10 -9.64 3.57 2.33
CA ASP A 10 -10.19 4.91 2.17
C ASP A 10 -9.29 5.99 2.79
N VAL A 11 -8.72 5.66 3.95
CA VAL A 11 -7.76 6.58 4.60
C VAL A 11 -6.50 6.79 3.75
N MET A 12 -6.01 5.71 3.14
CA MET A 12 -4.80 5.81 2.25
C MET A 12 -5.10 6.81 1.14
N VAL A 13 -6.28 6.74 0.51
CA VAL A 13 -6.60 7.73 -0.55
C VAL A 13 -6.87 9.10 -0.06
N SER A 14 -7.73 9.21 0.97
CA SER A 14 -8.08 10.57 1.38
C SER A 14 -6.94 11.35 2.00
N THR A 15 -6.03 10.63 2.66
CA THR A 15 -4.94 11.37 3.35
C THR A 15 -4.03 12.06 2.38
N PHE A 16 -3.78 11.43 1.24
CA PHE A 16 -2.94 12.04 0.22
C PHE A 16 -3.53 13.41 -0.21
N HIS A 17 -4.85 13.40 -0.43
CA HIS A 17 -5.54 14.63 -0.96
C HIS A 17 -5.74 15.72 0.08
N LYS A 18 -5.61 15.37 1.36
CA LYS A 18 -5.58 16.36 2.41
C LYS A 18 -4.38 17.32 2.26
N TYR A 19 -3.28 16.88 1.62
CA TYR A 19 -2.07 17.67 1.55
C TYR A 19 -1.71 18.09 0.11
N SER A 20 -2.04 17.25 -0.89
CA SER A 20 -1.52 17.50 -2.24
C SER A 20 -2.16 18.73 -2.87
N GLY A 21 -3.27 19.17 -2.32
CA GLY A 21 -4.02 20.31 -2.89
C GLY A 21 -3.58 21.72 -2.54
N LYS A 22 -2.64 21.88 -1.62
CA LYS A 22 -2.21 23.20 -1.12
C LYS A 22 -1.48 24.08 -2.12
N GLU A 23 -0.58 23.48 -2.86
CA GLU A 23 0.30 24.19 -3.78
C GLU A 23 0.46 23.41 -5.06
N GLY A 24 0.76 24.13 -6.14
CA GLY A 24 1.07 23.48 -7.41
C GLY A 24 0.00 22.54 -7.86
N ASP A 25 0.44 21.44 -8.48
CA ASP A 25 -0.44 20.40 -8.98
C ASP A 25 -1.23 19.92 -7.79
N LYS A 26 -2.52 19.88 -7.89
CA LYS A 26 -3.34 19.51 -6.77
C LYS A 26 -3.38 18.00 -6.58
N PHE A 27 -2.75 17.29 -7.49
CA PHE A 27 -2.69 15.81 -7.37
C PHE A 27 -1.32 15.28 -7.09
N LYS A 28 -0.39 16.14 -6.73
CA LYS A 28 0.93 15.70 -6.38
C LYS A 28 1.40 16.43 -5.15
N LEU A 29 2.27 15.76 -4.38
CA LEU A 29 2.89 16.40 -3.20
C LEU A 29 4.25 16.99 -3.56
N ASN A 30 4.42 18.30 -3.36
CA ASN A 30 5.73 18.87 -3.44
C ASN A 30 6.38 18.63 -2.07
N LYS A 31 7.67 18.97 -1.92
CA LYS A 31 8.40 18.63 -0.69
C LYS A 31 7.76 19.20 0.56
N SER A 32 7.27 20.44 0.45
N SER A 32 7.22 20.42 0.47
CA SER A 32 6.57 21.03 1.61
CA SER A 32 6.54 21.03 1.63
C SER A 32 5.30 20.27 2.01
C SER A 32 5.27 20.28 2.03
N GLU A 33 4.51 19.83 1.03
CA GLU A 33 3.24 19.13 1.29
C GLU A 33 3.57 17.72 1.86
N LEU A 34 4.62 17.12 1.32
CA LEU A 34 5.01 15.79 1.84
C LEU A 34 5.50 15.90 3.29
N LYS A 35 6.26 16.95 3.63
CA LYS A 35 6.72 17.09 5.01
C LYS A 35 5.53 17.25 5.94
N GLU A 36 4.53 18.06 5.53
CA GLU A 36 3.31 18.17 6.33
C GLU A 36 2.64 16.83 6.55
N LEU A 37 2.41 16.12 5.45
CA LEU A 37 1.80 14.80 5.53
C LEU A 37 2.54 13.85 6.47
N LEU A 38 3.86 13.77 6.33
CA LEU A 38 4.64 12.86 7.17
C LEU A 38 4.57 13.28 8.62
N THR A 39 4.67 14.58 8.88
CA THR A 39 4.75 15.06 10.27
C THR A 39 3.43 14.82 11.03
N ARG A 40 2.35 15.01 10.30
N ARG A 40 2.33 15.10 10.34
CA ARG A 40 1.03 15.08 10.89
CA ARG A 40 1.05 15.04 10.99
C ARG A 40 0.31 13.74 10.88
C ARG A 40 0.50 13.63 10.99
N GLU A 41 0.62 12.93 9.86
CA GLU A 41 -0.05 11.68 9.64
C GLU A 41 0.76 10.44 9.89
N LEU A 42 2.09 10.54 9.82
CA LEU A 42 2.94 9.37 10.07
C LEU A 42 4.03 9.71 11.07
N PRO A 43 3.66 10.31 12.21
CA PRO A 43 4.72 10.79 13.09
C PRO A 43 5.60 9.68 13.62
N SER A 44 5.06 8.46 13.68
CA SER A 44 5.85 7.33 14.28
C SER A 44 7.00 6.93 13.39
N PHE A 45 6.91 7.29 12.10
CA PHE A 45 7.93 6.94 11.15
C PHE A 45 9.01 7.94 11.06
N LEU A 46 8.82 9.08 11.73
CA LEU A 46 9.87 10.11 11.83
C LEU A 46 10.59 10.07 13.18
N THR A 50 13.44 15.11 13.27
CA THR A 50 13.93 15.01 11.90
C THR A 50 14.30 16.37 11.32
N ASP A 51 15.45 16.41 10.67
CA ASP A 51 16.00 17.64 10.14
C ASP A 51 15.48 17.90 8.74
N GLU A 52 15.78 19.07 8.19
CA GLU A 52 15.41 19.32 6.80
C GLU A 52 16.20 18.45 5.82
N ALA A 53 17.46 18.11 6.15
CA ALA A 53 18.28 17.22 5.31
C ALA A 53 17.67 15.82 5.23
N ALA A 54 16.99 15.44 6.31
CA ALA A 54 16.36 14.13 6.38
C ALA A 54 15.13 14.08 5.50
N PHE A 55 14.30 15.13 5.55
CA PHE A 55 13.14 15.28 4.66
C PHE A 55 13.58 15.28 3.18
N GLN A 56 14.72 15.90 2.87
CA GLN A 56 15.25 15.90 1.48
C GLN A 56 15.70 14.53 0.90
N LYS A 57 16.47 13.73 1.64
CA LYS A 57 16.85 12.39 1.14
C LYS A 57 15.60 11.51 1.09
N LEU A 58 14.68 11.70 2.03
CA LEU A 58 13.41 10.96 1.89
C LEU A 58 12.63 11.39 0.62
N MET A 59 12.53 12.69 0.40
CA MET A 59 11.90 13.20 -0.84
C MET A 59 12.48 12.62 -2.11
N SER A 60 13.82 12.66 -2.17
N SER A 60 13.80 12.60 -2.23
CA SER A 60 14.54 12.15 -3.32
CA SER A 60 14.39 12.14 -3.49
C SER A 60 14.10 10.72 -3.58
C SER A 60 14.32 10.60 -3.62
N ASN A 61 14.18 9.90 -2.51
CA ASN A 61 13.86 8.45 -2.62
C ASN A 61 12.39 8.20 -3.11
N LEU A 62 11.46 9.00 -2.58
CA LEU A 62 10.02 8.74 -2.89
C LEU A 62 9.73 9.16 -4.33
N ASP A 63 10.42 10.22 -4.74
CA ASP A 63 10.18 10.80 -6.07
C ASP A 63 10.95 9.98 -7.11
N SER A 64 10.48 8.76 -7.43
CA SER A 64 11.30 7.83 -8.20
C SER A 64 11.40 8.27 -9.68
N ASN A 65 10.50 9.14 -10.13
CA ASN A 65 10.63 9.63 -11.56
C ASN A 65 11.32 10.98 -11.69
N ARG A 66 11.79 11.49 -10.56
CA ARG A 66 12.64 12.70 -10.53
C ARG A 66 11.95 13.89 -11.08
N ASP A 67 10.71 14.13 -10.76
CA ASP A 67 10.05 15.35 -11.19
C ASP A 67 9.82 16.32 -10.05
N ASN A 68 10.40 15.99 -8.90
CA ASN A 68 10.31 16.86 -7.69
C ASN A 68 8.98 16.93 -7.04
N GLU A 69 8.15 15.94 -7.36
CA GLU A 69 6.85 15.79 -6.69
C GLU A 69 6.62 14.33 -6.40
N VAL A 70 5.77 14.08 -5.40
CA VAL A 70 5.34 12.68 -5.13
C VAL A 70 3.94 12.53 -5.57
N ASP A 71 3.72 11.68 -6.58
CA ASP A 71 2.40 11.42 -7.06
C ASP A 71 1.70 10.26 -6.35
N PHE A 72 0.42 10.04 -6.67
CA PHE A 72 -0.33 9.00 -5.93
C PHE A 72 0.33 7.61 -5.98
N GLN A 73 0.87 7.25 -7.15
CA GLN A 73 1.46 5.94 -7.30
C GLN A 73 2.76 5.85 -6.42
N GLU A 74 3.59 6.89 -6.48
CA GLU A 74 4.78 6.94 -5.66
C GLU A 74 4.42 6.89 -4.16
N TYR A 75 3.33 7.56 -3.78
CA TYR A 75 2.87 7.53 -2.39
C TYR A 75 2.41 6.16 -2.00
N CYS A 76 1.71 5.43 -2.89
CA CYS A 76 1.32 4.03 -2.55
C CYS A 76 2.52 3.16 -2.45
N VAL A 77 3.54 3.32 -3.33
CA VAL A 77 4.78 2.52 -3.25
C VAL A 77 5.43 2.76 -1.87
N PHE A 78 5.47 4.04 -1.45
CA PHE A 78 5.99 4.36 -0.12
C PHE A 78 5.19 3.65 1.00
N LEU A 79 3.86 3.75 0.95
CA LEU A 79 3.06 3.18 2.05
C LEU A 79 3.29 1.68 2.07
N SER A 80 3.39 1.06 0.88
CA SER A 80 3.73 -0.40 0.86
C SER A 80 5.04 -0.66 1.57
N CYS A 81 6.04 0.16 1.31
CA CYS A 81 7.30 -0.07 1.97
C CYS A 81 7.25 0.10 3.50
N ILE A 82 6.51 1.09 3.98
CA ILE A 82 6.32 1.27 5.41
C ILE A 82 5.55 0.05 5.95
N ALA A 83 4.49 -0.39 5.29
CA ALA A 83 3.80 -1.58 5.80
C ALA A 83 4.74 -2.78 5.84
N MET A 84 5.59 -2.89 4.84
CA MET A 84 6.58 -4.00 4.79
C MET A 84 7.54 -3.94 5.96
N MET A 85 7.96 -2.73 6.32
CA MET A 85 8.83 -2.57 7.56
C MET A 85 8.15 -3.04 8.76
N CYS A 86 6.90 -2.66 8.96
CA CYS A 86 6.13 -3.11 10.13
C CYS A 86 5.92 -4.60 10.06
N ASN A 87 5.74 -5.13 8.86
CA ASN A 87 5.52 -6.56 8.74
C ASN A 87 6.75 -7.35 9.15
N GLU A 88 7.91 -6.90 8.72
CA GLU A 88 9.19 -7.57 9.08
C GLU A 88 9.38 -7.62 10.59
N PHE A 89 9.00 -6.55 11.29
CA PHE A 89 9.00 -6.58 12.74
C PHE A 89 8.01 -7.57 13.34
N PHE A 90 6.77 -7.55 12.82
CA PHE A 90 5.71 -8.47 13.19
C PHE A 90 6.17 -9.91 13.00
N GLU A 91 6.85 -10.22 11.91
CA GLU A 91 7.18 -11.62 11.64
C GLU A 91 8.26 -12.13 12.60
N GLY A 92 9.20 -11.24 12.97
CA GLY A 92 10.26 -11.55 13.94
C GLY A 92 11.57 -11.88 13.26
N ALA B 2 -2.79 5.68 17.81
CA ALA B 2 -2.08 6.12 16.55
C ALA B 2 -3.00 6.94 15.63
N CYS B 3 -2.40 7.63 14.68
CA CYS B 3 -3.14 8.52 13.77
C CYS B 3 -3.80 7.62 12.68
N PRO B 4 -4.80 8.15 11.93
CA PRO B 4 -5.54 7.30 10.97
C PRO B 4 -4.69 6.49 9.99
N LEU B 5 -3.71 7.14 9.40
CA LEU B 5 -2.87 6.46 8.41
C LEU B 5 -1.97 5.41 9.03
N GLU B 6 -1.49 5.65 10.30
CA GLU B 6 -0.72 4.64 11.01
C GLU B 6 -1.59 3.41 11.29
N LYS B 7 -2.84 3.66 11.71
N LYS B 7 -2.84 3.69 11.73
CA LYS B 7 -3.76 2.58 12.00
CA LYS B 7 -3.86 2.66 11.97
C LYS B 7 -4.09 1.82 10.71
C LYS B 7 -4.02 1.84 10.70
N ALA B 8 -4.22 2.52 9.57
CA ALA B 8 -4.47 1.87 8.29
C ALA B 8 -3.33 0.91 7.93
N LEU B 9 -2.09 1.33 8.19
CA LEU B 9 -0.93 0.48 7.95
C LEU B 9 -0.95 -0.74 8.83
N ASP B 10 -1.33 -0.53 10.10
CA ASP B 10 -1.40 -1.64 11.00
C ASP B 10 -2.49 -2.68 10.64
N VAL B 11 -3.61 -2.19 10.16
CA VAL B 11 -4.69 -3.04 9.65
C VAL B 11 -4.23 -3.79 8.37
N MET B 12 -3.47 -3.13 7.50
CA MET B 12 -2.94 -3.86 6.34
C MET B 12 -2.13 -5.11 6.78
N VAL B 13 -1.28 -4.92 7.78
CA VAL B 13 -0.40 -5.96 8.26
C VAL B 13 -1.21 -7.03 8.96
N SER B 14 -2.03 -6.63 9.92
CA SER B 14 -2.80 -7.60 10.69
C SER B 14 -3.75 -8.41 9.83
N THR B 15 -4.40 -7.76 8.84
CA THR B 15 -5.41 -8.48 8.07
C THR B 15 -4.75 -9.58 7.23
N PHE B 16 -3.57 -9.31 6.71
CA PHE B 16 -2.83 -10.27 5.97
C PHE B 16 -2.56 -11.53 6.83
N HIS B 17 -2.03 -11.35 8.05
CA HIS B 17 -1.70 -12.50 8.96
C HIS B 17 -2.88 -13.28 9.51
N LYS B 18 -4.04 -12.59 9.54
CA LYS B 18 -5.32 -13.20 9.94
C LYS B 18 -5.54 -14.38 9.02
N TYR B 19 -5.18 -14.24 7.75
CA TYR B 19 -5.44 -15.25 6.69
C TYR B 19 -4.20 -16.04 6.35
N SER B 20 -3.04 -15.40 6.30
CA SER B 20 -1.82 -16.14 5.90
C SER B 20 -1.42 -17.24 6.88
N GLY B 21 -1.80 -17.10 8.13
CA GLY B 21 -1.37 -18.01 9.17
C GLY B 21 -2.27 -19.21 9.29
N LYS B 22 -3.29 -19.32 8.44
CA LYS B 22 -4.31 -20.38 8.57
C LYS B 22 -3.75 -21.74 8.16
N GLU B 23 -3.05 -21.76 7.02
CA GLU B 23 -2.52 -23.01 6.45
C GLU B 23 -1.09 -22.87 5.94
N GLY B 24 -0.34 -23.96 6.05
CA GLY B 24 0.97 -24.06 5.43
C GLY B 24 1.92 -22.96 5.86
N ASP B 25 2.58 -22.36 4.90
CA ASP B 25 3.40 -21.12 5.15
C ASP B 25 2.58 -20.05 5.83
N LYS B 26 2.87 -19.79 7.10
CA LYS B 26 2.07 -18.90 7.90
C LYS B 26 2.25 -17.45 7.43
N PHE B 27 3.15 -17.24 6.47
CA PHE B 27 3.51 -15.86 5.99
C PHE B 27 3.20 -15.53 4.50
N LYS B 28 2.48 -16.42 3.84
CA LYS B 28 2.02 -16.25 2.49
C LYS B 28 0.59 -16.75 2.46
N LEU B 29 -0.17 -16.19 1.53
CA LEU B 29 -1.57 -16.55 1.22
C LEU B 29 -1.61 -17.57 0.10
N ASN B 30 -2.14 -18.77 0.38
CA ASN B 30 -2.42 -19.68 -0.69
C ASN B 30 -3.80 -19.33 -1.34
N LYS B 31 -4.28 -20.14 -2.30
CA LYS B 31 -5.54 -19.80 -2.97
C LYS B 31 -6.75 -19.69 -2.04
N SER B 32 -6.89 -20.59 -1.07
CA SER B 32 -8.04 -20.57 -0.17
C SER B 32 -8.00 -19.37 0.78
N GLU B 33 -6.80 -19.05 1.27
CA GLU B 33 -6.58 -17.92 2.15
C GLU B 33 -6.83 -16.60 1.39
N LEU B 34 -6.31 -16.47 0.17
CA LEU B 34 -6.54 -15.25 -0.60
C LEU B 34 -8.03 -15.09 -0.87
N LYS B 35 -8.67 -16.17 -1.30
CA LYS B 35 -10.10 -16.10 -1.53
C LYS B 35 -10.88 -15.63 -0.31
N GLU B 36 -10.57 -16.16 0.89
N GLU B 36 -10.56 -16.17 0.87
CA GLU B 36 -11.29 -15.79 2.12
CA GLU B 36 -11.26 -15.78 2.07
C GLU B 36 -11.02 -14.33 2.53
C GLU B 36 -11.07 -14.29 2.31
N LEU B 37 -9.81 -13.87 2.25
CA LEU B 37 -9.48 -12.46 2.52
C LEU B 37 -10.26 -11.56 1.60
N LEU B 38 -10.25 -11.83 0.30
CA LEU B 38 -11.02 -10.99 -0.61
C LEU B 38 -12.51 -10.94 -0.29
N THR B 39 -13.10 -12.13 -0.10
CA THR B 39 -14.53 -12.23 0.18
C THR B 39 -14.97 -11.54 1.48
N ARG B 40 -14.26 -11.80 2.58
N ARG B 40 -14.22 -11.76 2.54
CA ARG B 40 -14.65 -11.22 3.85
CA ARG B 40 -14.61 -11.27 3.84
C ARG B 40 -14.22 -9.76 3.92
C ARG B 40 -14.11 -9.86 4.15
N GLU B 41 -12.98 -9.50 3.52
CA GLU B 41 -12.31 -8.20 3.88
C GLU B 41 -12.41 -7.13 2.80
N LEU B 42 -12.65 -7.53 1.58
CA LEU B 42 -12.73 -6.59 0.43
C LEU B 42 -14.01 -6.81 -0.42
N PRO B 43 -15.15 -7.03 0.23
CA PRO B 43 -16.38 -7.34 -0.53
C PRO B 43 -16.87 -6.26 -1.52
N SER B 44 -16.53 -4.99 -1.27
CA SER B 44 -16.89 -3.89 -2.17
C SER B 44 -16.15 -4.01 -3.45
N PHE B 45 -14.98 -4.64 -3.42
CA PHE B 45 -14.10 -4.59 -4.58
C PHE B 45 -14.02 -5.85 -5.42
N LEU B 46 -14.34 -7.00 -4.81
CA LEU B 46 -14.47 -8.28 -5.52
C LEU B 46 -15.80 -8.22 -6.28
N GLY B 47 -15.76 -8.38 -7.59
CA GLY B 47 -16.98 -8.45 -8.37
C GLY B 47 -16.85 -9.54 -9.41
N LYS B 48 -16.14 -9.24 -10.49
CA LYS B 48 -15.85 -10.19 -11.59
C LYS B 48 -15.13 -11.47 -11.10
N ARG B 49 -14.41 -11.35 -9.98
CA ARG B 49 -13.50 -12.40 -9.51
C ARG B 49 -14.22 -13.55 -8.82
N THR B 50 -15.55 -13.41 -8.67
CA THR B 50 -16.40 -14.49 -8.13
C THR B 50 -16.20 -15.75 -8.95
N ASP B 51 -16.11 -15.60 -10.27
CA ASP B 51 -15.89 -16.74 -11.16
C ASP B 51 -14.52 -17.38 -10.79
N GLU B 52 -14.47 -18.72 -10.65
CA GLU B 52 -13.24 -19.39 -10.26
C GLU B 52 -12.06 -19.14 -11.18
N ALA B 53 -12.27 -19.25 -12.51
CA ALA B 53 -11.19 -18.99 -13.47
C ALA B 53 -10.72 -17.55 -13.38
N ALA B 54 -11.67 -16.63 -13.18
CA ALA B 54 -11.33 -15.19 -13.00
C ALA B 54 -10.53 -14.95 -11.72
N PHE B 55 -10.95 -15.61 -10.62
CA PHE B 55 -10.17 -15.47 -9.39
C PHE B 55 -8.79 -16.05 -9.62
N GLN B 56 -8.67 -17.21 -10.32
CA GLN B 56 -7.32 -17.76 -10.50
C GLN B 56 -6.48 -16.87 -11.37
N LYS B 57 -7.10 -16.17 -12.30
CA LYS B 57 -6.37 -15.21 -13.10
C LYS B 57 -5.85 -14.04 -12.24
N LEU B 58 -6.72 -13.50 -11.39
CA LEU B 58 -6.28 -12.44 -10.47
C LEU B 58 -5.09 -12.91 -9.63
N MET B 59 -5.25 -14.11 -9.08
CA MET B 59 -4.20 -14.70 -8.32
C MET B 59 -2.88 -14.81 -9.09
N SER B 60 -2.94 -15.24 -10.36
N SER B 60 -2.97 -15.27 -10.35
CA SER B 60 -1.68 -15.41 -11.13
CA SER B 60 -1.78 -15.39 -11.18
C SER B 60 -1.04 -14.07 -11.52
C SER B 60 -1.09 -14.04 -11.25
N ASN B 61 -1.86 -13.03 -11.66
CA ASN B 61 -1.34 -11.65 -11.78
C ASN B 61 -0.71 -11.12 -10.49
N LEU B 62 -1.29 -11.40 -9.32
CA LEU B 62 -0.68 -10.96 -8.05
C LEU B 62 0.66 -11.65 -7.74
N ASP B 63 0.77 -12.91 -8.16
CA ASP B 63 1.88 -13.74 -7.77
C ASP B 63 2.97 -13.48 -8.77
N SER B 64 3.69 -12.38 -8.57
CA SER B 64 4.66 -11.94 -9.55
C SER B 64 6.00 -12.72 -9.51
N ASN B 65 6.34 -13.34 -8.40
CA ASN B 65 7.52 -14.21 -8.36
C ASN B 65 7.25 -15.73 -8.56
N ARG B 66 6.02 -16.08 -8.95
CA ARG B 66 5.66 -17.45 -9.41
C ARG B 66 5.85 -18.63 -8.43
N ASP B 67 5.67 -18.39 -7.15
CA ASP B 67 5.94 -19.45 -6.16
C ASP B 67 4.62 -20.01 -5.66
N ASN B 68 3.55 -19.72 -6.40
CA ASN B 68 2.20 -20.15 -6.05
C ASN B 68 1.43 -19.52 -4.92
N GLU B 69 2.03 -18.54 -4.22
CA GLU B 69 1.34 -17.90 -3.11
C GLU B 69 1.47 -16.40 -3.27
N VAL B 70 0.72 -15.67 -2.46
CA VAL B 70 0.84 -14.19 -2.47
C VAL B 70 1.53 -13.81 -1.16
N ASP B 71 2.75 -13.26 -1.26
CA ASP B 71 3.46 -12.85 -0.06
C ASP B 71 3.08 -11.41 0.28
N PHE B 72 3.65 -10.90 1.35
CA PHE B 72 3.17 -9.63 1.87
C PHE B 72 3.43 -8.49 0.85
N GLN B 73 4.61 -8.48 0.21
CA GLN B 73 4.89 -7.47 -0.81
C GLN B 73 3.88 -7.52 -1.94
N GLU B 74 3.58 -8.74 -2.42
CA GLU B 74 2.60 -8.89 -3.51
C GLU B 74 1.20 -8.40 -3.09
N TYR B 75 0.84 -8.69 -1.83
CA TYR B 75 -0.40 -8.23 -1.25
C TYR B 75 -0.42 -6.68 -1.15
N CYS B 76 0.68 -6.06 -0.74
CA CYS B 76 0.72 -4.58 -0.76
C CYS B 76 0.54 -3.98 -2.13
N VAL B 77 1.15 -4.60 -3.14
CA VAL B 77 0.99 -4.15 -4.52
C VAL B 77 -0.49 -4.26 -4.89
N PHE B 78 -1.12 -5.39 -4.57
CA PHE B 78 -2.56 -5.57 -4.76
C PHE B 78 -3.34 -4.41 -4.15
N LEU B 79 -3.14 -4.18 -2.85
CA LEU B 79 -3.87 -3.08 -2.18
C LEU B 79 -3.59 -1.71 -2.82
N SER B 80 -2.34 -1.48 -3.23
CA SER B 80 -2.01 -0.23 -3.90
C SER B 80 -2.75 -0.08 -5.26
N CYS B 81 -2.92 -1.18 -5.97
CA CYS B 81 -3.72 -1.16 -7.18
C CYS B 81 -5.19 -0.83 -6.93
N ILE B 82 -5.78 -1.36 -5.85
CA ILE B 82 -7.12 -0.97 -5.46
C ILE B 82 -7.17 0.51 -5.07
N ALA B 83 -6.20 0.97 -4.27
CA ALA B 83 -6.18 2.39 -3.93
C ALA B 83 -6.06 3.29 -5.19
N MET B 84 -5.24 2.87 -6.18
CA MET B 84 -5.03 3.69 -7.38
C MET B 84 -6.30 3.68 -8.20
N MET B 85 -6.99 2.54 -8.23
CA MET B 85 -8.35 2.42 -8.87
C MET B 85 -9.30 3.43 -8.24
N CYS B 86 -9.35 3.48 -6.92
CA CYS B 86 -10.34 4.32 -6.28
C CYS B 86 -9.90 5.78 -6.43
N ASN B 87 -8.61 6.02 -6.48
CA ASN B 87 -8.14 7.37 -6.57
C ASN B 87 -8.54 7.99 -7.95
N GLU B 88 -8.58 7.18 -9.00
CA GLU B 88 -9.10 7.71 -10.29
C GLU B 88 -10.46 8.42 -10.11
N PHE B 89 -11.28 7.83 -9.26
CA PHE B 89 -12.61 8.34 -8.98
C PHE B 89 -12.59 9.60 -8.12
N PHE B 90 -11.62 9.70 -7.21
CA PHE B 90 -11.47 10.91 -6.42
C PHE B 90 -11.09 12.08 -7.29
N GLU B 91 -10.11 11.87 -8.17
CA GLU B 91 -9.56 12.93 -8.99
C GLU B 91 -10.58 13.40 -10.01
N GLY B 92 -11.28 12.45 -10.63
CA GLY B 92 -12.23 12.83 -11.72
C GLY B 92 -11.54 13.55 -12.86
N ASP C 1 4.95 -7.05 -12.11
CA ASP C 1 4.48 -5.64 -12.07
C ASP C 1 5.60 -4.64 -12.20
N ALA C 2 5.28 -3.51 -12.83
CA ALA C 2 6.08 -2.32 -12.65
C ALA C 2 6.00 -1.95 -11.16
N MET C 3 4.82 -2.13 -10.55
CA MET C 3 4.63 -1.74 -9.12
C MET C 3 5.49 -2.60 -8.19
N ASN C 4 5.50 -3.90 -8.40
N ASN C 4 5.53 -3.89 -8.42
CA ASN C 4 6.33 -4.78 -7.58
CA ASN C 4 6.35 -4.77 -7.59
C ASN C 4 7.81 -4.35 -7.67
C ASN C 4 7.83 -4.42 -7.68
N ARG C 5 8.30 -4.13 -8.89
CA ARG C 5 9.63 -3.61 -9.12
C ARG C 5 9.90 -2.28 -8.38
N GLU C 6 8.96 -1.34 -8.47
CA GLU C 6 9.11 -0.09 -7.79
C GLU C 6 9.17 -0.26 -6.28
N VAL C 7 8.34 -1.13 -5.73
CA VAL C 7 8.35 -1.41 -4.28
C VAL C 7 9.73 -1.96 -3.89
N SER C 8 10.24 -2.93 -4.67
CA SER C 8 11.54 -3.47 -4.34
C SER C 8 12.63 -2.41 -4.41
N SER C 9 12.60 -1.56 -5.43
N SER C 9 12.59 -1.56 -5.43
CA SER C 9 13.58 -0.46 -5.56
CA SER C 9 13.57 -0.48 -5.57
C SER C 9 13.57 0.45 -4.33
C SER C 9 13.56 0.47 -4.37
N LEU C 10 12.36 0.87 -3.92
CA LEU C 10 12.28 1.81 -2.83
C LEU C 10 12.61 1.18 -1.49
N LYS C 11 12.26 -0.08 -1.34
CA LYS C 11 12.48 -0.69 -0.02
C LYS C 11 13.97 -0.82 0.23
N ASN C 12 14.74 -0.96 -0.83
CA ASN C 12 16.18 -1.13 -0.69
C ASN C 12 16.86 0.22 -0.47
N LYS C 13 16.10 1.32 -0.60
CA LYS C 13 16.67 2.67 -0.42
C LYS C 13 16.38 3.27 0.94
N LEU C 14 15.25 2.87 1.49
CA LEU C 14 14.80 3.50 2.73
C LEU C 14 15.60 2.97 3.89
#